data_2VT2
#
_entry.id   2VT2
#
_cell.length_a   128.290
_cell.length_b   53.740
_cell.length_c   86.890
_cell.angle_alpha   90.00
_cell.angle_beta   125.55
_cell.angle_gamma   90.00
#
_symmetry.space_group_name_H-M   'C 1 2 1'
#
loop_
_entity.id
_entity.type
_entity.pdbx_description
1 polymer 'REDOX-SENSING TRANSCRIPTIONAL REPRESSOR REX'
2 non-polymer NICOTINAMIDE-ADENINE-DINUCLEOTIDE
3 water water
#
_entity_poly.entity_id   1
_entity_poly.type   'polypeptide(L)'
_entity_poly.pdbx_seq_one_letter_code
;MNKDQSKIPQATAKRLPLYYRFLKNLHASGKQRVSSAELSDAVKVDSATIRRDFSYFGALGKKGYGYNVDYLLSFFRKTL
DQDEMTDVILIGVGNLGTAFLHYNFTKNNNTKISMAFDINESKIGTEVGGVPVYNLDDLEQHVKDESVAILTVPAVAAQS
ITDRLVALGIKGILNFTPARLNVPEHIRIHHIDLAVELQSLVYFLKHYSVLEEIE
;
_entity_poly.pdbx_strand_id   A,B
#
loop_
_chem_comp.id
_chem_comp.type
_chem_comp.name
_chem_comp.formula
NAD non-polymer NICOTINAMIDE-ADENINE-DINUCLEOTIDE 'C21 H27 N7 O14 P2'
#
# COMPACT_ATOMS: atom_id res chain seq x y z
N ALA A 11 22.71 27.37 11.98
CA ALA A 11 23.47 26.91 13.18
C ALA A 11 22.57 26.75 14.41
N THR A 12 21.86 27.81 14.83
CA THR A 12 21.02 27.73 16.04
C THR A 12 19.86 26.72 15.96
N ALA A 13 19.14 26.75 14.83
CA ALA A 13 18.07 25.79 14.56
C ALA A 13 18.59 24.37 14.29
N LYS A 14 19.90 24.22 14.07
CA LYS A 14 20.51 22.90 13.93
C LYS A 14 20.91 22.25 15.27
N ARG A 15 20.98 23.05 16.35
CA ARG A 15 21.18 22.52 17.72
C ARG A 15 19.85 22.30 18.44
N LEU A 16 18.82 23.03 18.00
CA LEU A 16 17.48 22.87 18.56
C LEU A 16 16.99 21.39 18.61
N PRO A 17 17.15 20.60 17.50
CA PRO A 17 16.70 19.20 17.57
C PRO A 17 17.52 18.32 18.54
N LEU A 18 18.78 18.69 18.76
CA LEU A 18 19.61 18.03 19.75
C LEU A 18 19.03 18.24 21.15
N TYR A 19 18.62 19.47 21.45
CA TYR A 19 18.07 19.80 22.76
C TYR A 19 16.71 19.16 22.98
N TYR A 20 15.88 19.21 21.95
CA TYR A 20 14.54 18.61 21.92
C TYR A 20 14.55 17.12 22.22
N ARG A 21 15.26 16.38 21.37
CA ARG A 21 15.34 14.94 21.46
C ARG A 21 15.72 14.52 22.87
N PHE A 22 16.79 15.12 23.38
CA PHE A 22 17.28 14.83 24.71
C PHE A 22 16.33 15.24 25.83
N LEU A 23 15.69 16.40 25.70
CA LEU A 23 14.75 16.86 26.72
C LEU A 23 13.46 16.05 26.76
N LYS A 24 13.04 15.54 25.60
CA LYS A 24 11.87 14.65 25.54
C LYS A 24 12.16 13.38 26.36
N ASN A 25 13.38 12.88 26.22
CA ASN A 25 13.85 11.75 27.01
C ASN A 25 13.93 12.09 28.50
N LEU A 26 14.44 13.27 28.83
CA LEU A 26 14.42 13.78 30.20
C LEU A 26 12.97 13.79 30.78
N HIS A 27 12.07 14.50 30.12
CA HIS A 27 10.64 14.63 30.53
C HIS A 27 10.03 13.30 30.94
N ALA A 28 10.26 12.29 30.11
CA ALA A 28 9.84 10.92 30.34
C ALA A 28 10.27 10.35 31.71
N SER A 29 11.40 10.86 32.22
CA SER A 29 12.00 10.44 33.49
C SER A 29 11.53 11.25 34.71
N GLY A 30 10.66 12.23 34.50
CA GLY A 30 10.11 13.05 35.57
C GLY A 30 10.90 14.30 35.99
N LYS A 31 12.07 14.52 35.39
CA LYS A 31 12.91 15.69 35.71
C LYS A 31 12.41 16.95 34.99
N GLN A 32 12.26 18.05 35.72
CA GLN A 32 11.65 19.26 35.15
C GLN A 32 12.57 20.49 35.17
N ARG A 33 13.79 20.30 35.64
CA ARG A 33 14.84 21.31 35.49
C ARG A 33 16.13 20.69 34.95
N VAL A 34 16.89 21.50 34.22
CA VAL A 34 18.09 21.03 33.57
C VAL A 34 19.09 22.17 33.47
N SER A 35 20.33 21.87 33.83
CA SER A 35 21.41 22.85 33.77
C SER A 35 22.04 22.85 32.39
N SER A 36 22.72 23.94 32.05
CA SER A 36 23.55 23.99 30.85
C SER A 36 24.70 22.97 30.91
N ALA A 37 25.26 22.77 32.11
CA ALA A 37 26.29 21.75 32.35
C ALA A 37 25.80 20.31 32.13
N GLU A 38 24.55 20.03 32.49
CA GLU A 38 23.94 18.70 32.29
C GLU A 38 23.59 18.44 30.84
N LEU A 39 23.10 19.48 30.16
CA LEU A 39 22.73 19.39 28.77
C LEU A 39 23.99 19.31 27.90
N SER A 40 25.04 20.00 28.31
CA SER A 40 26.33 20.01 27.61
C SER A 40 27.03 18.65 27.61
N ASP A 41 26.98 17.97 28.75
CA ASP A 41 27.60 16.65 28.91
C ASP A 41 26.82 15.59 28.13
N ALA A 42 25.52 15.81 28.00
CA ALA A 42 24.66 14.91 27.23
C ALA A 42 24.82 15.10 25.71
N VAL A 43 24.60 16.32 25.22
CA VAL A 43 24.57 16.59 23.76
C VAL A 43 25.90 17.05 23.14
N LYS A 44 26.89 17.35 23.99
CA LYS A 44 28.26 17.69 23.56
C LYS A 44 28.36 19.04 22.84
N VAL A 45 27.49 19.96 23.27
CA VAL A 45 27.57 21.38 22.92
C VAL A 45 28.07 22.09 24.18
N ASP A 46 28.93 23.09 24.06
CA ASP A 46 29.42 23.73 25.27
C ASP A 46 28.35 24.60 25.95
N SER A 47 28.36 24.60 27.28
CA SER A 47 27.29 25.22 28.08
C SER A 47 27.10 26.71 27.76
N ALA A 48 28.18 27.36 27.37
CA ALA A 48 28.22 28.79 27.07
C ALA A 48 27.41 29.09 25.80
N THR A 49 27.40 28.09 24.87
CA THR A 49 26.52 28.11 23.70
C THR A 49 25.08 27.79 24.06
N ILE A 50 24.89 26.80 24.94
CA ILE A 50 23.57 26.41 25.44
C ILE A 50 22.90 27.60 26.11
N ARG A 51 23.56 28.22 27.10
CA ARG A 51 23.04 29.46 27.71
C ARG A 51 22.64 30.55 26.69
N ARG A 52 23.52 30.80 25.71
CA ARG A 52 23.25 31.69 24.57
C ARG A 52 21.97 31.31 23.78
N ASP A 53 21.83 30.03 23.40
CA ASP A 53 20.62 29.55 22.71
C ASP A 53 19.33 29.64 23.55
N PHE A 54 19.44 29.32 24.84
CA PHE A 54 18.25 29.20 25.72
C PHE A 54 17.67 30.54 26.11
N SER A 55 18.50 31.57 26.03
CA SER A 55 18.01 32.92 26.13
C SER A 55 17.16 33.26 24.89
N TYR A 56 17.67 32.84 23.74
CA TYR A 56 17.07 33.18 22.43
C TYR A 56 15.72 32.59 22.33
N PHE A 57 15.60 31.39 22.93
CA PHE A 57 14.35 30.68 23.07
C PHE A 57 13.47 31.30 24.16
N GLY A 58 14.00 32.30 24.87
CA GLY A 58 13.26 32.99 25.94
C GLY A 58 13.09 32.15 27.21
N ALA A 59 14.08 31.26 27.48
CA ALA A 59 14.03 30.47 28.69
C ALA A 59 14.81 31.14 29.81
N LEU A 60 14.17 31.26 30.97
CA LEU A 60 14.76 31.88 32.16
C LEU A 60 15.23 30.85 33.19
N GLY A 66 20.03 26.32 35.86
CA GLY A 66 18.74 25.65 35.92
C GLY A 66 17.69 26.22 34.98
N TYR A 67 17.16 25.37 34.11
CA TYR A 67 16.12 25.76 33.14
C TYR A 67 14.90 24.86 33.29
N ASN A 68 13.71 25.42 33.16
CA ASN A 68 12.47 24.63 33.15
C ASN A 68 12.38 23.75 31.88
N VAL A 69 12.30 22.43 32.09
CA VAL A 69 12.25 21.44 31.00
C VAL A 69 10.96 21.53 30.14
N ASP A 70 9.83 21.76 30.81
CA ASP A 70 8.54 21.88 30.12
C ASP A 70 8.42 23.14 29.23
N TYR A 71 8.97 24.27 29.68
CA TYR A 71 9.04 25.47 28.85
C TYR A 71 9.75 25.23 27.52
N LEU A 72 10.92 24.60 27.61
CA LEU A 72 11.77 24.40 26.44
C LEU A 72 11.15 23.44 25.46
N LEU A 73 10.67 22.31 25.98
CA LEU A 73 9.97 21.28 25.16
C LEU A 73 8.79 21.84 24.36
N SER A 74 7.91 22.57 25.07
CA SER A 74 6.74 23.19 24.49
C SER A 74 7.18 24.26 23.47
N PHE A 75 8.21 25.02 23.82
CA PHE A 75 8.85 25.95 22.88
C PHE A 75 9.45 25.28 21.61
N PHE A 76 10.12 24.12 21.78
CA PHE A 76 10.76 23.48 20.62
C PHE A 76 9.69 22.89 19.71
N ARG A 77 8.67 22.29 20.32
CA ARG A 77 7.56 21.72 19.61
C ARG A 77 6.86 22.78 18.77
N LYS A 78 6.46 23.87 19.42
CA LYS A 78 5.81 24.99 18.76
C LYS A 78 6.62 25.56 17.57
N THR A 79 7.90 25.84 17.79
CA THR A 79 8.82 26.26 16.72
C THR A 79 8.82 25.31 15.52
N LEU A 80 9.00 24.01 15.78
CA LEU A 80 9.06 23.01 14.71
C LEU A 80 7.75 22.92 13.91
N ASP A 81 6.63 23.10 14.62
CA ASP A 81 5.30 23.19 13.99
C ASP A 81 5.06 24.50 13.22
N GLN A 82 5.84 25.54 13.53
CA GLN A 82 5.68 26.88 12.91
C GLN A 82 6.34 27.03 11.52
N ASP A 83 7.61 26.61 11.40
CA ASP A 83 8.33 26.58 10.09
C ASP A 83 8.66 25.13 9.67
N ASP A 87 11.86 21.20 0.63
CA ASP A 87 11.17 20.63 1.78
C ASP A 87 11.04 19.11 1.57
N VAL A 88 10.16 18.77 0.63
CA VAL A 88 9.99 17.40 0.20
C VAL A 88 10.39 17.35 -1.25
N ILE A 89 11.17 16.35 -1.63
CA ILE A 89 11.46 16.13 -3.04
C ILE A 89 10.76 14.89 -3.54
N LEU A 90 10.44 14.85 -4.84
CA LEU A 90 9.90 13.64 -5.43
C LEU A 90 10.78 13.16 -6.59
N ILE A 91 10.90 11.85 -6.73
CA ILE A 91 11.64 11.25 -7.81
C ILE A 91 10.78 10.24 -8.55
N GLY A 92 10.60 10.46 -9.85
CA GLY A 92 9.80 9.61 -10.71
C GLY A 92 8.45 10.29 -10.93
N VAL A 93 8.36 11.06 -11.99
CA VAL A 93 7.17 11.87 -12.25
C VAL A 93 6.32 11.15 -13.32
N GLY A 94 5.92 9.92 -13.01
CA GLY A 94 5.03 9.16 -13.87
C GLY A 94 3.65 9.23 -13.25
N ASN A 95 2.82 8.23 -13.54
CA ASN A 95 1.44 8.23 -13.09
C ASN A 95 1.36 8.46 -11.58
N LEU A 96 2.23 7.74 -10.88
CA LEU A 96 2.28 7.69 -9.44
C LEU A 96 2.81 8.98 -8.84
N GLY A 97 3.92 9.48 -9.40
CA GLY A 97 4.48 10.77 -8.99
C GLY A 97 3.51 11.89 -9.30
N THR A 98 2.92 11.83 -10.49
CA THR A 98 1.94 12.83 -10.92
C THR A 98 0.70 12.79 -10.02
N ALA A 99 0.29 11.60 -9.58
CA ALA A 99 -0.77 11.47 -8.58
C ALA A 99 -0.42 12.15 -7.26
N PHE A 100 0.84 12.06 -6.85
CA PHE A 100 1.29 12.69 -5.61
C PHE A 100 1.34 14.19 -5.72
N LEU A 101 1.74 14.68 -6.89
CA LEU A 101 1.78 16.12 -7.15
C LEU A 101 0.39 16.75 -7.25
N HIS A 102 -0.68 15.95 -7.15
CA HIS A 102 -2.02 16.35 -7.66
C HIS A 102 -3.39 15.99 -6.99
N TYR A 103 -3.57 15.60 -5.71
CA TYR A 103 -2.70 15.58 -4.53
C TYR A 103 -1.73 16.73 -4.33
N THR A 111 2.48 20.67 4.00
CA THR A 111 3.50 19.77 3.43
C THR A 111 3.63 19.92 1.90
N LYS A 112 4.48 20.85 1.45
CA LYS A 112 4.74 21.01 0.01
C LYS A 112 5.97 20.26 -0.53
N ILE A 113 5.84 19.82 -1.78
CA ILE A 113 6.92 19.25 -2.57
C ILE A 113 7.60 20.33 -3.39
N SER A 114 8.91 20.49 -3.25
CA SER A 114 9.63 21.63 -3.80
C SER A 114 10.31 21.37 -5.13
N MET A 115 10.68 20.11 -5.38
CA MET A 115 11.43 19.68 -6.56
C MET A 115 10.99 18.29 -6.96
N ALA A 116 10.96 18.02 -8.27
CA ALA A 116 10.79 16.67 -8.79
C ALA A 116 12.00 16.33 -9.66
N PHE A 117 12.28 15.04 -9.78
CA PHE A 117 13.43 14.56 -10.57
C PHE A 117 12.99 13.41 -11.46
N ASP A 118 13.42 13.46 -12.72
CA ASP A 118 13.17 12.37 -13.66
C ASP A 118 14.33 12.19 -14.64
N ILE A 119 14.23 11.18 -15.51
CA ILE A 119 15.23 10.88 -16.56
C ILE A 119 14.69 11.15 -17.97
N ASN A 120 13.36 11.19 -18.07
CA ASN A 120 12.68 11.45 -19.35
C ASN A 120 12.88 12.92 -19.70
N GLU A 121 13.59 13.16 -20.82
CA GLU A 121 13.99 14.51 -21.29
C GLU A 121 12.81 15.41 -21.71
N SER A 122 11.65 14.76 -21.95
CA SER A 122 10.42 15.48 -22.29
C SER A 122 9.66 15.98 -21.05
N LYS A 123 10.08 15.54 -19.88
CA LYS A 123 9.51 15.95 -18.59
C LYS A 123 10.48 16.86 -17.82
N ILE A 124 11.77 16.60 -17.98
CA ILE A 124 12.84 17.44 -17.44
C ILE A 124 12.71 18.84 -18.06
N GLY A 125 12.76 19.89 -17.24
CA GLY A 125 12.66 21.26 -17.75
C GLY A 125 11.22 21.72 -17.89
N THR A 126 10.30 20.98 -17.27
CA THR A 126 8.87 21.29 -17.25
C THR A 126 8.30 21.32 -15.83
N GLU A 127 7.03 21.73 -15.74
CA GLU A 127 6.34 21.83 -14.47
C GLU A 127 5.11 20.90 -14.41
N VAL A 128 5.07 20.07 -13.38
CA VAL A 128 3.90 19.23 -13.09
C VAL A 128 3.38 19.56 -11.70
N GLY A 129 2.13 20.03 -11.65
CA GLY A 129 1.46 20.35 -10.39
C GLY A 129 2.16 21.48 -9.66
N GLY A 130 2.74 22.40 -10.43
CA GLY A 130 3.44 23.56 -9.89
C GLY A 130 4.90 23.33 -9.59
N VAL A 131 5.31 22.06 -9.57
CA VAL A 131 6.68 21.64 -9.20
C VAL A 131 7.59 21.48 -10.43
N PRO A 132 8.76 22.15 -10.44
CA PRO A 132 9.65 21.97 -11.59
C PRO A 132 10.30 20.59 -11.57
N VAL A 133 10.57 20.07 -12.77
CA VAL A 133 11.17 18.75 -12.92
C VAL A 133 12.58 18.91 -13.49
N TYR A 134 13.53 18.42 -12.73
CA TYR A 134 14.93 18.43 -13.07
C TYR A 134 15.43 17.03 -13.44
N ASN A 135 16.54 17.00 -14.16
CA ASN A 135 17.31 15.81 -14.48
C ASN A 135 17.91 15.24 -13.20
N LEU A 136 17.76 13.93 -13.04
CA LEU A 136 18.23 13.19 -11.85
C LEU A 136 19.74 13.33 -11.60
N ASP A 137 20.51 13.55 -12.69
CA ASP A 137 21.95 13.83 -12.65
C ASP A 137 22.26 14.98 -11.69
N ASP A 138 21.34 15.93 -11.58
CA ASP A 138 21.53 17.14 -10.77
C ASP A 138 21.01 17.01 -9.33
N LEU A 139 20.55 15.82 -8.96
CA LEU A 139 20.13 15.55 -7.59
C LEU A 139 21.11 16.14 -6.54
N GLU A 140 22.38 15.80 -6.68
CA GLU A 140 23.42 16.21 -5.74
C GLU A 140 23.73 17.72 -5.70
N GLN A 141 23.42 18.44 -6.78
CA GLN A 141 23.63 19.90 -6.78
C GLN A 141 22.43 20.67 -6.22
N HIS A 142 21.21 20.15 -6.40
CA HIS A 142 20.01 20.89 -6.04
C HIS A 142 19.36 20.48 -4.72
N VAL A 143 19.69 19.29 -4.22
CA VAL A 143 19.21 18.86 -2.91
C VAL A 143 20.21 19.34 -1.87
N LYS A 144 19.77 20.32 -1.06
CA LYS A 144 20.63 20.92 -0.04
C LYS A 144 20.06 20.67 1.35
N ASP A 145 18.88 21.24 1.62
CA ASP A 145 18.26 21.18 2.94
C ASP A 145 17.29 20.02 3.20
N GLU A 146 16.54 19.62 2.16
CA GLU A 146 15.45 18.63 2.25
C GLU A 146 15.77 17.28 2.85
N SER A 147 14.83 16.80 3.65
CA SER A 147 15.04 15.62 4.46
C SER A 147 14.17 14.44 4.04
N VAL A 148 13.15 14.74 3.24
CA VAL A 148 12.17 13.76 2.82
C VAL A 148 12.18 13.61 1.32
N ALA A 149 12.19 12.36 0.85
CA ALA A 149 12.03 12.02 -0.57
C ALA A 149 10.81 11.11 -0.82
N ILE A 150 10.04 11.41 -1.86
CA ILE A 150 9.04 10.45 -2.32
C ILE A 150 9.68 9.67 -3.48
N LEU A 151 9.56 8.34 -3.40
CA LEU A 151 10.13 7.49 -4.39
C LEU A 151 9.04 6.80 -5.21
N THR A 152 8.89 7.21 -6.47
CA THR A 152 7.84 6.69 -7.34
C THR A 152 8.41 6.28 -8.71
N VAL A 153 9.55 5.59 -8.67
CA VAL A 153 10.25 5.07 -9.86
C VAL A 153 10.01 3.55 -9.97
N PRO A 154 10.37 2.92 -11.11
CA PRO A 154 10.34 1.44 -11.06
C PRO A 154 11.22 0.80 -9.93
N ALA A 155 10.85 -0.41 -9.51
CA ALA A 155 11.58 -1.10 -8.44
C ALA A 155 13.05 -1.27 -8.77
N VAL A 156 13.34 -1.56 -10.03
CA VAL A 156 14.71 -1.75 -10.52
C VAL A 156 15.60 -0.49 -10.30
N ALA A 157 14.99 0.69 -10.27
CA ALA A 157 15.69 1.97 -10.09
C ALA A 157 15.84 2.37 -8.61
N ALA A 158 15.11 1.72 -7.72
CA ALA A 158 14.91 2.30 -6.39
C ALA A 158 16.14 2.34 -5.47
N GLN A 159 16.91 1.27 -5.47
CA GLN A 159 18.00 1.11 -4.48
C GLN A 159 19.18 2.08 -4.79
N SER A 160 19.60 2.16 -6.06
CA SER A 160 20.64 3.10 -6.43
C SER A 160 20.31 4.57 -6.11
N ILE A 161 19.10 5.00 -6.42
CA ILE A 161 18.61 6.35 -6.07
C ILE A 161 18.58 6.52 -4.54
N THR A 162 18.06 5.51 -3.86
CA THR A 162 18.07 5.49 -2.38
C THR A 162 19.47 5.70 -1.82
N ASP A 163 20.47 5.02 -2.39
CA ASP A 163 21.86 5.17 -2.00
C ASP A 163 22.33 6.64 -2.13
N ARG A 164 21.94 7.30 -3.22
CA ARG A 164 22.33 8.71 -3.45
C ARG A 164 21.64 9.69 -2.50
N LEU A 165 20.42 9.34 -2.10
CA LEU A 165 19.57 10.15 -1.22
C LEU A 165 20.09 10.13 0.20
N VAL A 166 20.42 8.94 0.68
CA VAL A 166 21.10 8.82 1.95
C VAL A 166 22.49 9.53 2.02
N ALA A 167 23.34 9.36 0.99
CA ALA A 167 24.60 10.13 0.91
C ALA A 167 24.39 11.65 0.92
N LEU A 168 23.24 12.10 0.41
CA LEU A 168 22.83 13.50 0.45
C LEU A 168 22.18 13.91 1.77
N GLY A 169 22.12 13.00 2.73
CA GLY A 169 21.53 13.31 4.04
C GLY A 169 20.01 13.39 4.08
N ILE A 170 19.29 12.67 3.22
CA ILE A 170 17.81 12.55 3.36
C ILE A 170 17.51 11.74 4.64
N LYS A 171 16.51 12.13 5.42
CA LYS A 171 16.16 11.43 6.69
C LYS A 171 14.95 10.50 6.64
N GLY A 172 14.09 10.72 5.65
CA GLY A 172 12.91 9.89 5.48
C GLY A 172 12.60 9.66 4.01
N ILE A 173 12.17 8.44 3.70
CA ILE A 173 11.78 8.09 2.35
C ILE A 173 10.42 7.47 2.31
N LEU A 174 9.52 8.10 1.55
CA LEU A 174 8.26 7.51 1.21
C LEU A 174 8.47 6.62 -0.01
N ASN A 175 8.66 5.34 0.26
CA ASN A 175 8.91 4.30 -0.73
C ASN A 175 7.64 3.76 -1.37
N PHE A 176 7.24 4.36 -2.48
CA PHE A 176 6.07 3.92 -3.19
C PHE A 176 6.45 3.03 -4.39
N THR A 177 7.21 1.98 -4.08
CA THR A 177 7.71 0.99 -5.04
C THR A 177 7.70 -0.38 -4.35
N PRO A 178 7.59 -1.50 -5.12
CA PRO A 178 7.73 -2.84 -4.50
C PRO A 178 9.11 -3.24 -3.96
N ALA A 179 10.12 -2.39 -4.10
CA ALA A 179 11.45 -2.74 -3.65
C ALA A 179 11.55 -2.64 -2.13
N ARG A 180 12.29 -3.56 -1.54
CA ARG A 180 12.61 -3.46 -0.14
C ARG A 180 13.96 -2.79 -0.08
N LEU A 181 13.99 -1.62 0.54
CA LEU A 181 15.17 -0.77 0.54
C LEU A 181 16.08 -1.08 1.69
N ASN A 182 17.36 -1.05 1.37
CA ASN A 182 18.46 -1.16 2.31
C ASN A 182 18.94 0.24 2.68
N VAL A 183 18.76 0.61 3.95
CA VAL A 183 19.19 1.93 4.41
C VAL A 183 19.70 1.78 5.80
N PRO A 184 20.50 2.76 6.25
CA PRO A 184 20.85 2.77 7.65
C PRO A 184 19.60 2.88 8.53
N GLU A 185 19.72 2.31 9.71
CA GLU A 185 18.63 2.16 10.68
C GLU A 185 17.94 3.45 11.07
N HIS A 186 18.68 4.55 11.06
CA HIS A 186 18.13 5.85 11.45
C HIS A 186 17.31 6.55 10.34
N ILE A 187 17.26 5.93 9.15
CA ILE A 187 16.48 6.45 8.02
C ILE A 187 15.09 5.88 8.16
N ARG A 188 14.10 6.75 8.25
CA ARG A 188 12.73 6.27 8.36
C ARG A 188 12.11 6.03 7.00
N ILE A 189 11.67 4.80 6.75
CA ILE A 189 11.03 4.40 5.49
C ILE A 189 9.54 4.15 5.71
N HIS A 190 8.70 4.80 4.91
CA HIS A 190 7.31 4.43 4.81
C HIS A 190 7.07 3.70 3.49
N HIS A 191 6.71 2.42 3.58
CA HIS A 191 6.54 1.61 2.39
C HIS A 191 5.07 1.40 2.01
N ILE A 192 4.70 1.93 0.86
CA ILE A 192 3.36 1.81 0.30
C ILE A 192 3.43 0.93 -0.94
N ASP A 193 2.66 -0.15 -0.89
CA ASP A 193 2.66 -1.13 -1.94
C ASP A 193 1.33 -1.80 -2.00
N LEU A 194 0.79 -1.87 -3.20
CA LEU A 194 -0.50 -2.48 -3.49
C LEU A 194 -0.62 -3.96 -3.09
N ALA A 195 0.32 -4.79 -3.54
CA ALA A 195 0.36 -6.21 -3.21
C ALA A 195 0.45 -6.46 -1.71
N VAL A 196 1.42 -5.79 -1.07
CA VAL A 196 1.63 -5.89 0.38
C VAL A 196 0.33 -5.57 1.12
N GLU A 197 -0.27 -4.42 0.75
CA GLU A 197 -1.58 -4.00 1.28
C GLU A 197 -2.75 -4.96 1.00
N LEU A 198 -2.83 -5.47 -0.23
CA LEU A 198 -3.92 -6.42 -0.58
C LEU A 198 -3.82 -7.75 0.15
N GLN A 199 -2.60 -8.22 0.35
CA GLN A 199 -2.33 -9.51 1.02
C GLN A 199 -2.88 -9.55 2.44
N SER A 200 -2.70 -8.42 3.14
CA SER A 200 -3.23 -8.14 4.50
C SER A 200 -4.76 -8.14 4.56
N LEU A 201 -5.39 -7.36 3.68
CA LEU A 201 -6.82 -7.33 3.57
C LEU A 201 -7.45 -8.69 3.19
N VAL A 202 -6.87 -9.35 2.17
CA VAL A 202 -7.25 -10.69 1.71
C VAL A 202 -7.15 -11.73 2.86
N TYR A 203 -6.08 -11.67 3.64
CA TYR A 203 -5.90 -12.59 4.75
C TYR A 203 -7.02 -12.39 5.77
N PHE A 204 -7.34 -11.13 6.11
CA PHE A 204 -8.49 -10.88 6.96
C PHE A 204 -9.76 -11.56 6.42
N LEU A 205 -10.04 -11.41 5.11
CA LEU A 205 -11.34 -11.83 4.58
C LEU A 205 -11.51 -13.36 4.54
N LYS A 206 -10.40 -14.04 4.31
CA LYS A 206 -10.33 -15.48 4.22
C LYS A 206 -10.35 -16.10 5.61
N HIS A 207 -9.88 -15.38 6.63
CA HIS A 207 -9.75 -15.92 8.00
C HIS A 207 -10.70 -15.38 9.03
N TYR A 208 -11.25 -14.19 8.83
CA TYR A 208 -12.05 -13.56 9.89
C TYR A 208 -13.47 -13.13 9.51
N SER A 209 -13.91 -13.59 8.34
CA SER A 209 -15.33 -13.63 8.01
C SER A 209 -16.04 -14.55 9.00
N LYS B 7 -27.08 -25.79 -5.50
CA LYS B 7 -26.78 -24.71 -4.53
C LYS B 7 -25.57 -23.79 -4.84
N ILE B 8 -24.34 -24.28 -5.02
CA ILE B 8 -23.84 -25.64 -4.76
C ILE B 8 -23.86 -25.96 -3.25
N PRO B 9 -24.43 -27.11 -2.85
CA PRO B 9 -24.38 -27.48 -1.44
C PRO B 9 -22.98 -27.45 -0.84
N GLN B 10 -22.91 -26.94 0.39
CA GLN B 10 -21.68 -26.86 1.19
C GLN B 10 -20.92 -28.16 1.25
N ALA B 11 -21.64 -29.28 1.39
CA ALA B 11 -21.05 -30.60 1.53
C ALA B 11 -20.34 -31.00 0.25
N THR B 12 -21.00 -30.70 -0.87
CA THR B 12 -20.44 -30.83 -2.21
C THR B 12 -19.21 -29.93 -2.39
N ALA B 13 -19.33 -28.64 -2.07
CA ALA B 13 -18.23 -27.69 -2.20
C ALA B 13 -17.02 -28.12 -1.36
N LYS B 14 -17.26 -28.63 -0.15
CA LYS B 14 -16.17 -29.13 0.73
C LYS B 14 -15.46 -30.39 0.24
N ARG B 15 -16.12 -31.18 -0.62
CA ARG B 15 -15.51 -32.36 -1.27
C ARG B 15 -14.52 -32.06 -2.41
N LEU B 16 -14.67 -30.90 -3.02
CA LEU B 16 -13.90 -30.50 -4.18
C LEU B 16 -12.39 -30.58 -3.98
N PRO B 17 -11.84 -29.94 -2.92
CA PRO B 17 -10.39 -30.15 -2.73
C PRO B 17 -9.99 -31.59 -2.43
N LEU B 18 -10.88 -32.39 -1.85
CA LEU B 18 -10.67 -33.84 -1.62
C LEU B 18 -10.54 -34.67 -2.90
N TYR B 19 -11.41 -34.40 -3.86
CA TYR B 19 -11.33 -34.97 -5.19
C TYR B 19 -9.99 -34.61 -5.84
N TYR B 20 -9.68 -33.31 -5.85
CA TYR B 20 -8.40 -32.80 -6.30
C TYR B 20 -7.19 -33.55 -5.75
N ARG B 21 -7.03 -33.59 -4.43
CA ARG B 21 -5.92 -34.30 -3.82
C ARG B 21 -5.83 -35.78 -4.28
N PHE B 22 -7.00 -36.44 -4.39
CA PHE B 22 -7.03 -37.84 -4.80
C PHE B 22 -6.49 -38.00 -6.25
N LEU B 23 -6.97 -37.14 -7.14
CA LEU B 23 -6.58 -37.09 -8.56
C LEU B 23 -5.12 -36.76 -8.84
N LYS B 24 -4.54 -35.89 -8.03
CA LYS B 24 -3.09 -35.61 -8.06
C LYS B 24 -2.25 -36.85 -7.75
N ASN B 25 -2.61 -37.55 -6.67
CA ASN B 25 -1.99 -38.82 -6.29
C ASN B 25 -2.08 -39.88 -7.41
N LEU B 26 -3.27 -40.03 -7.98
CA LEU B 26 -3.50 -40.95 -9.06
C LEU B 26 -2.76 -40.60 -10.32
N HIS B 27 -2.70 -39.31 -10.61
CA HIS B 27 -2.03 -38.84 -11.80
C HIS B 27 -0.55 -39.09 -11.64
N ALA B 28 -0.03 -38.84 -10.44
CA ALA B 28 1.40 -39.11 -10.14
C ALA B 28 1.70 -40.59 -10.29
N SER B 29 0.80 -41.47 -9.85
CA SER B 29 1.05 -42.91 -10.00
C SER B 29 0.87 -43.50 -11.42
N GLY B 30 0.53 -42.68 -12.41
CA GLY B 30 0.43 -43.18 -13.81
C GLY B 30 -0.97 -43.60 -14.21
N LYS B 31 -1.93 -43.49 -13.29
CA LYS B 31 -3.29 -43.96 -13.51
C LYS B 31 -4.02 -43.16 -14.58
N GLN B 32 -4.71 -43.86 -15.49
CA GLN B 32 -5.31 -43.23 -16.64
C GLN B 32 -6.80 -43.06 -16.53
N ARG B 33 -7.47 -44.01 -15.86
CA ARG B 33 -8.91 -44.02 -15.62
C ARG B 33 -9.20 -44.17 -14.15
N VAL B 34 -10.36 -43.62 -13.75
CA VAL B 34 -10.87 -43.75 -12.40
C VAL B 34 -12.40 -43.88 -12.49
N SER B 35 -12.94 -44.79 -11.71
CA SER B 35 -14.36 -45.07 -11.71
C SER B 35 -15.03 -44.30 -10.57
N SER B 36 -16.36 -44.20 -10.61
CA SER B 36 -17.17 -43.65 -9.50
C SER B 36 -16.88 -44.35 -8.18
N ALA B 37 -16.80 -45.69 -8.20
CA ALA B 37 -16.49 -46.47 -7.00
C ALA B 37 -15.15 -46.09 -6.38
N GLU B 38 -14.12 -45.84 -7.19
CA GLU B 38 -12.83 -45.42 -6.65
C GLU B 38 -12.86 -44.01 -6.09
N LEU B 39 -13.54 -43.13 -6.79
CA LEU B 39 -13.80 -41.81 -6.30
C LEU B 39 -14.58 -41.86 -4.98
N SER B 40 -15.58 -42.74 -4.88
CA SER B 40 -16.40 -42.86 -3.70
C SER B 40 -15.58 -43.33 -2.51
N ASP B 41 -14.66 -44.27 -2.76
CA ASP B 41 -13.78 -44.82 -1.71
C ASP B 41 -12.84 -43.75 -1.21
N ALA B 42 -12.32 -42.96 -2.14
CA ALA B 42 -11.36 -41.92 -1.80
C ALA B 42 -11.95 -40.84 -0.88
N VAL B 43 -13.17 -40.40 -1.17
CA VAL B 43 -13.83 -39.35 -0.36
C VAL B 43 -14.90 -39.86 0.63
N LYS B 44 -14.99 -41.19 0.75
CA LYS B 44 -15.91 -41.86 1.71
C LYS B 44 -17.39 -41.54 1.46
N VAL B 45 -17.80 -41.52 0.20
CA VAL B 45 -19.21 -41.34 -0.17
C VAL B 45 -19.65 -42.53 -1.03
N ASP B 46 -20.80 -42.41 -1.68
CA ASP B 46 -21.31 -43.45 -2.56
C ASP B 46 -21.39 -42.90 -3.96
N SER B 47 -21.62 -43.78 -4.94
CA SER B 47 -21.61 -43.39 -6.37
C SER B 47 -22.67 -42.38 -6.79
N ALA B 48 -23.84 -42.41 -6.18
CA ALA B 48 -24.84 -41.37 -6.41
C ALA B 48 -24.37 -39.93 -6.02
N THR B 49 -23.65 -39.82 -4.90
CA THR B 49 -23.02 -38.57 -4.46
C THR B 49 -21.99 -38.06 -5.51
N ILE B 50 -21.16 -38.95 -6.04
CA ILE B 50 -20.26 -38.58 -7.12
C ILE B 50 -21.04 -38.00 -8.30
N ARG B 51 -22.08 -38.73 -8.73
CA ARG B 51 -22.96 -38.32 -9.81
C ARG B 51 -23.56 -36.93 -9.58
N ARG B 52 -24.22 -36.72 -8.43
CA ARG B 52 -24.74 -35.38 -8.06
C ARG B 52 -23.67 -34.28 -7.94
N ASP B 53 -22.61 -34.49 -7.16
CA ASP B 53 -21.48 -33.55 -7.06
C ASP B 53 -20.88 -33.13 -8.42
N PHE B 54 -20.68 -34.11 -9.31
CA PHE B 54 -20.07 -33.86 -10.63
C PHE B 54 -21.00 -33.07 -11.60
N SER B 55 -22.32 -33.16 -11.43
CA SER B 55 -23.25 -32.25 -12.11
C SER B 55 -23.20 -30.85 -11.49
N TYR B 56 -23.14 -30.74 -10.16
CA TYR B 56 -22.81 -29.45 -9.54
C TYR B 56 -21.51 -28.81 -10.05
N PHE B 57 -20.45 -29.61 -10.17
CA PHE B 57 -19.18 -29.10 -10.64
C PHE B 57 -19.14 -28.81 -12.14
N GLY B 58 -19.95 -29.51 -12.94
CA GLY B 58 -19.93 -29.32 -14.39
C GLY B 58 -18.95 -30.24 -15.11
N ALA B 59 -18.61 -31.35 -14.47
CA ALA B 59 -17.66 -32.30 -14.97
C ALA B 59 -18.33 -33.24 -15.98
N LEU B 60 -17.55 -33.74 -16.93
CA LEU B 60 -18.06 -34.68 -17.96
C LEU B 60 -17.39 -36.05 -17.85
N GLY B 61 -18.19 -37.12 -17.95
CA GLY B 61 -17.66 -38.48 -17.80
C GLY B 61 -18.11 -39.56 -18.77
N LYS B 62 -18.28 -40.78 -18.24
CA LYS B 62 -18.56 -42.02 -19.03
C LYS B 62 -18.42 -43.25 -18.12
N GLY B 66 -16.05 -44.78 -16.78
CA GLY B 66 -15.45 -43.96 -15.73
C GLY B 66 -14.94 -42.64 -16.26
N TYR B 67 -13.86 -42.13 -15.67
CA TYR B 67 -13.39 -40.80 -15.97
C TYR B 67 -11.93 -40.82 -16.36
N ASN B 68 -11.55 -39.87 -17.21
CA ASN B 68 -10.14 -39.74 -17.58
C ASN B 68 -9.43 -38.96 -16.44
N VAL B 69 -8.37 -39.56 -15.88
CA VAL B 69 -7.65 -38.96 -14.76
C VAL B 69 -7.08 -37.56 -15.13
N ASP B 70 -6.49 -37.46 -16.32
CA ASP B 70 -5.91 -36.23 -16.78
C ASP B 70 -6.94 -35.11 -16.96
N TYR B 71 -8.09 -35.45 -17.57
CA TYR B 71 -9.19 -34.49 -17.71
C TYR B 71 -9.69 -33.96 -16.33
N LEU B 72 -10.10 -34.88 -15.43
CA LEU B 72 -10.61 -34.54 -14.11
C LEU B 72 -9.59 -33.78 -13.23
N LEU B 73 -8.32 -34.14 -13.33
CA LEU B 73 -7.29 -33.41 -12.58
C LEU B 73 -7.22 -31.95 -13.04
N SER B 74 -7.11 -31.73 -14.36
CA SER B 74 -7.10 -30.36 -14.90
C SER B 74 -8.36 -29.61 -14.57
N PHE B 75 -9.51 -30.28 -14.71
CA PHE B 75 -10.82 -29.69 -14.44
C PHE B 75 -10.95 -29.24 -12.99
N PHE B 76 -10.54 -30.12 -12.06
CA PHE B 76 -10.66 -29.79 -10.65
C PHE B 76 -9.65 -28.73 -10.23
N ARG B 77 -8.45 -28.78 -10.85
CA ARG B 77 -7.41 -27.75 -10.73
C ARG B 77 -7.93 -26.36 -11.15
N LYS B 78 -8.51 -26.28 -12.35
CA LYS B 78 -9.11 -25.04 -12.87
C LYS B 78 -10.13 -24.45 -11.89
N THR B 79 -11.04 -25.31 -11.43
CA THR B 79 -12.11 -25.02 -10.48
C THR B 79 -11.64 -24.54 -9.11
N LEU B 80 -10.60 -25.16 -8.54
CA LEU B 80 -10.05 -24.71 -7.26
C LEU B 80 -9.27 -23.41 -7.39
N ASP B 81 -8.51 -23.27 -8.49
CA ASP B 81 -7.86 -22.01 -8.86
C ASP B 81 -8.88 -20.88 -9.00
N GLN B 82 -9.98 -21.13 -9.72
CA GLN B 82 -11.12 -20.21 -9.83
C GLN B 82 -11.59 -19.82 -8.41
N ASP B 83 -11.89 -20.84 -7.60
CA ASP B 83 -12.40 -20.65 -6.24
CA ASP B 83 -12.39 -20.67 -6.23
C ASP B 83 -11.40 -19.92 -5.32
N GLU B 84 -10.10 -20.14 -5.54
CA GLU B 84 -9.05 -19.60 -4.66
C GLU B 84 -8.48 -18.22 -5.04
N MET B 85 -8.69 -17.82 -6.30
CA MET B 85 -8.18 -16.54 -6.81
C MET B 85 -8.94 -15.39 -6.18
N THR B 86 -8.23 -14.30 -5.96
CA THR B 86 -8.87 -13.07 -5.51
C THR B 86 -8.88 -12.06 -6.66
N ASP B 87 -10.06 -11.91 -7.25
CA ASP B 87 -10.31 -10.90 -8.26
C ASP B 87 -10.68 -9.58 -7.59
N VAL B 88 -9.97 -8.54 -7.98
CA VAL B 88 -10.14 -7.19 -7.41
C VAL B 88 -10.75 -6.25 -8.46
N ILE B 89 -11.70 -5.39 -8.07
CA ILE B 89 -12.15 -4.31 -8.96
C ILE B 89 -11.47 -2.96 -8.68
N LEU B 90 -11.21 -2.19 -9.72
CA LEU B 90 -10.74 -0.84 -9.52
C LEU B 90 -11.77 0.19 -10.01
N ILE B 91 -12.04 1.17 -9.16
CA ILE B 91 -12.90 2.28 -9.55
C ILE B 91 -12.05 3.54 -9.59
N GLY B 92 -12.03 4.18 -10.76
CA GLY B 92 -11.32 5.44 -10.98
C GLY B 92 -10.00 5.23 -11.69
N VAL B 93 -9.98 5.49 -12.99
CA VAL B 93 -8.79 5.17 -13.82
C VAL B 93 -7.99 6.44 -14.20
N GLY B 94 -7.66 7.24 -13.17
CA GLY B 94 -6.80 8.40 -13.33
C GLY B 94 -5.37 7.99 -13.10
N ASN B 95 -4.53 8.93 -12.67
CA ASN B 95 -3.10 8.69 -12.43
C ASN B 95 -2.83 7.49 -11.51
N LEU B 96 -3.36 7.53 -10.29
CA LEU B 96 -3.19 6.44 -9.32
C LEU B 96 -3.82 5.12 -9.81
N GLY B 97 -5.09 5.18 -10.20
CA GLY B 97 -5.75 4.05 -10.85
C GLY B 97 -4.99 3.42 -12.00
N THR B 98 -4.40 4.19 -12.92
CA THR B 98 -3.73 3.52 -14.06
C THR B 98 -2.36 2.93 -13.70
N ALA B 99 -1.69 3.52 -12.70
CA ALA B 99 -0.46 2.94 -12.17
C ALA B 99 -0.77 1.57 -11.59
N PHE B 100 -1.92 1.48 -10.89
CA PHE B 100 -2.36 0.23 -10.27
C PHE B 100 -2.71 -0.85 -11.29
N LEU B 101 -3.36 -0.46 -12.39
CA LEU B 101 -3.58 -1.32 -13.56
C LEU B 101 -2.29 -1.74 -14.26
N HIS B 102 -1.21 -1.00 -14.05
CA HIS B 102 0.09 -1.42 -14.57
C HIS B 102 0.90 -2.23 -13.56
N TYR B 103 0.31 -2.42 -12.36
CA TYR B 103 0.92 -3.24 -11.31
C TYR B 103 1.16 -4.68 -11.75
N ASN B 104 2.40 -5.13 -11.56
CA ASN B 104 2.79 -6.48 -11.91
C ASN B 104 2.77 -7.38 -10.68
N PHE B 105 1.67 -8.11 -10.51
CA PHE B 105 1.54 -9.09 -9.45
C PHE B 105 2.39 -10.34 -9.74
N THR B 106 3.06 -10.85 -8.71
CA THR B 106 3.91 -12.04 -8.82
C THR B 106 3.09 -13.29 -9.14
N LYS B 107 3.76 -14.33 -9.65
CA LYS B 107 3.11 -15.58 -10.03
C LYS B 107 2.43 -16.28 -8.85
N ASN B 108 3.17 -16.42 -7.75
CA ASN B 108 2.72 -17.18 -6.59
C ASN B 108 1.49 -16.55 -5.95
N ASN B 109 1.08 -15.41 -6.51
CA ASN B 109 0.12 -14.50 -5.89
C ASN B 109 -1.19 -14.49 -6.66
N ASN B 110 -2.15 -15.31 -6.25
CA ASN B 110 -3.42 -15.34 -6.96
C ASN B 110 -4.35 -14.17 -6.62
N THR B 111 -3.81 -12.99 -6.89
CA THR B 111 -4.54 -11.72 -6.88
C THR B 111 -4.35 -11.08 -8.26
N LYS B 112 -5.42 -10.50 -8.77
CA LYS B 112 -5.33 -9.68 -9.98
C LYS B 112 -6.49 -8.72 -9.96
N ILE B 113 -6.30 -7.56 -10.57
CA ILE B 113 -7.41 -6.67 -10.88
C ILE B 113 -8.04 -7.12 -12.21
N SER B 114 -9.23 -7.68 -12.12
CA SER B 114 -9.92 -8.25 -13.28
C SER B 114 -10.67 -7.21 -14.12
N MET B 115 -11.16 -6.16 -13.48
CA MET B 115 -11.91 -5.11 -14.17
C MET B 115 -11.77 -3.73 -13.51
N ALA B 116 -12.01 -2.69 -14.30
CA ALA B 116 -11.95 -1.34 -13.81
C ALA B 116 -13.17 -0.54 -14.24
N PHE B 117 -13.49 0.50 -13.45
CA PHE B 117 -14.61 1.38 -13.74
C PHE B 117 -14.25 2.87 -13.72
N ASP B 118 -14.78 3.60 -14.69
CA ASP B 118 -14.62 5.05 -14.73
C ASP B 118 -15.91 5.75 -15.20
N ILE B 119 -15.92 7.08 -15.18
CA ILE B 119 -17.02 7.86 -15.77
C ILE B 119 -16.64 8.67 -17.02
N ASN B 120 -15.34 8.75 -17.32
CA ASN B 120 -14.80 9.47 -18.48
C ASN B 120 -14.94 8.65 -19.77
N GLU B 121 -15.67 9.18 -20.75
CA GLU B 121 -16.02 8.44 -21.98
C GLU B 121 -14.82 7.86 -22.72
N SER B 122 -13.68 8.55 -22.61
CA SER B 122 -12.44 8.13 -23.24
C SER B 122 -11.61 7.15 -22.38
N LYS B 123 -11.89 7.10 -21.07
CA LYS B 123 -11.46 5.96 -20.27
C LYS B 123 -12.33 4.78 -20.69
N ILE B 124 -13.63 4.88 -20.43
CA ILE B 124 -14.60 3.84 -20.80
C ILE B 124 -14.33 3.28 -22.21
N GLY B 125 -14.15 1.97 -22.27
CA GLY B 125 -13.95 1.27 -23.54
C GLY B 125 -12.48 0.98 -23.79
N THR B 126 -11.64 1.36 -22.84
CA THR B 126 -10.21 1.14 -22.98
C THR B 126 -9.76 -0.18 -22.33
N GLU B 127 -8.53 -0.57 -22.66
CA GLU B 127 -7.84 -1.61 -21.94
C GLU B 127 -6.56 -0.99 -21.44
N VAL B 128 -6.45 -0.87 -20.11
CA VAL B 128 -5.28 -0.30 -19.46
C VAL B 128 -4.53 -1.42 -18.75
N GLY B 129 -3.28 -1.65 -19.12
CA GLY B 129 -2.48 -2.74 -18.56
C GLY B 129 -3.15 -4.10 -18.76
N GLY B 130 -3.87 -4.24 -19.87
CA GLY B 130 -4.62 -5.45 -20.16
C GLY B 130 -5.92 -5.66 -19.40
N VAL B 131 -6.37 -4.68 -18.61
CA VAL B 131 -7.68 -4.76 -17.92
C VAL B 131 -8.74 -3.81 -18.52
N PRO B 132 -9.98 -4.31 -18.73
CA PRO B 132 -11.04 -3.50 -19.35
C PRO B 132 -11.64 -2.43 -18.42
N VAL B 133 -11.74 -1.21 -18.93
CA VAL B 133 -12.39 -0.11 -18.23
C VAL B 133 -13.81 0.04 -18.77
N TYR B 134 -14.77 -0.05 -17.84
CA TYR B 134 -16.20 -0.01 -18.13
C TYR B 134 -16.82 1.25 -17.57
N ASN B 135 -17.96 1.64 -18.13
CA ASN B 135 -18.75 2.75 -17.59
C ASN B 135 -19.13 2.40 -16.17
N LEU B 136 -18.94 3.33 -15.23
CA LEU B 136 -19.34 3.08 -13.83
C LEU B 136 -20.85 2.82 -13.68
N ASP B 137 -21.66 3.27 -14.66
CA ASP B 137 -23.11 2.97 -14.74
C ASP B 137 -23.38 1.47 -14.73
N ASP B 138 -22.43 0.72 -15.27
CA ASP B 138 -22.60 -0.70 -15.55
C ASP B 138 -22.04 -1.61 -14.45
N LEU B 139 -21.72 -1.00 -13.31
CA LEU B 139 -21.11 -1.68 -12.16
C LEU B 139 -21.92 -2.89 -11.72
N GLU B 140 -23.24 -2.71 -11.66
CA GLU B 140 -24.15 -3.75 -11.18
C GLU B 140 -24.28 -4.95 -12.12
N GLN B 141 -24.03 -4.74 -13.41
CA GLN B 141 -24.17 -5.82 -14.41
C GLN B 141 -22.86 -6.59 -14.70
N HIS B 142 -21.77 -6.14 -14.07
CA HIS B 142 -20.45 -6.74 -14.21
C HIS B 142 -19.98 -7.45 -12.95
N VAL B 143 -20.35 -6.90 -11.80
CA VAL B 143 -19.90 -7.43 -10.52
C VAL B 143 -20.79 -8.57 -10.06
N LYS B 144 -20.19 -9.74 -9.93
CA LYS B 144 -20.87 -10.88 -9.31
C LYS B 144 -20.21 -11.27 -7.99
N ASP B 145 -19.04 -11.91 -8.10
CA ASP B 145 -18.38 -12.65 -7.01
C ASP B 145 -17.26 -11.87 -6.28
N GLU B 146 -16.57 -11.00 -7.04
CA GLU B 146 -15.43 -10.19 -6.57
C GLU B 146 -15.67 -9.61 -5.20
N SER B 147 -14.73 -9.81 -4.29
CA SER B 147 -14.99 -9.43 -2.91
C SER B 147 -14.19 -8.20 -2.46
N VAL B 148 -13.33 -7.68 -3.33
CA VAL B 148 -12.41 -6.61 -2.97
C VAL B 148 -12.40 -5.53 -4.04
N ALA B 149 -12.37 -4.28 -3.60
CA ALA B 149 -12.34 -3.12 -4.48
C ALA B 149 -11.23 -2.14 -4.08
N ILE B 150 -10.64 -1.47 -5.09
CA ILE B 150 -9.71 -0.36 -4.89
C ILE B 150 -10.43 0.91 -5.34
N LEU B 151 -10.33 1.94 -4.53
CA LEU B 151 -11.02 3.17 -4.76
C LEU B 151 -10.00 4.26 -4.96
N THR B 152 -9.98 4.84 -6.18
CA THR B 152 -9.03 5.89 -6.53
C THR B 152 -9.76 7.02 -7.24
N VAL B 153 -10.95 7.34 -6.74
CA VAL B 153 -11.76 8.43 -7.27
C VAL B 153 -11.53 9.68 -6.39
N PRO B 154 -11.93 10.87 -6.89
CA PRO B 154 -12.01 12.06 -6.00
C PRO B 154 -12.83 11.77 -4.75
N ALA B 155 -12.49 12.40 -3.64
CA ALA B 155 -13.13 12.12 -2.37
C ALA B 155 -14.67 12.27 -2.41
N VAL B 156 -15.15 13.27 -3.13
CA VAL B 156 -16.58 13.56 -3.27
C VAL B 156 -17.47 12.44 -3.87
N ALA B 157 -16.89 11.58 -4.70
CA ALA B 157 -17.66 10.51 -5.35
C ALA B 157 -17.64 9.20 -4.54
N ALA B 158 -16.77 9.15 -3.54
CA ALA B 158 -16.34 7.85 -2.97
C ALA B 158 -17.40 7.14 -2.14
N GLN B 159 -18.31 7.89 -1.52
CA GLN B 159 -19.34 7.34 -0.62
C GLN B 159 -20.50 6.66 -1.34
N SER B 160 -21.02 7.31 -2.39
CA SER B 160 -22.08 6.69 -3.20
C SER B 160 -21.59 5.44 -3.93
N ILE B 161 -20.32 5.46 -4.35
CA ILE B 161 -19.69 4.30 -5.00
C ILE B 161 -19.51 3.18 -3.99
N THR B 162 -19.05 3.52 -2.79
CA THR B 162 -18.96 2.57 -1.69
C THR B 162 -20.31 1.95 -1.34
N ASP B 163 -21.36 2.79 -1.24
CA ASP B 163 -22.72 2.31 -0.92
C ASP B 163 -23.14 1.21 -1.88
N ARG B 164 -22.73 1.37 -3.14
CA ARG B 164 -23.11 0.47 -4.21
C ARG B 164 -22.31 -0.79 -4.18
N LEU B 165 -21.01 -0.65 -3.91
CA LEU B 165 -20.09 -1.77 -3.81
C LEU B 165 -20.50 -2.75 -2.71
N VAL B 166 -20.85 -2.23 -1.53
CA VAL B 166 -21.31 -3.09 -0.42
C VAL B 166 -22.63 -3.80 -0.74
N ALA B 167 -23.55 -3.08 -1.37
CA ALA B 167 -24.83 -3.66 -1.82
C ALA B 167 -24.62 -4.80 -2.80
N LEU B 168 -23.55 -4.72 -3.59
CA LEU B 168 -23.19 -5.80 -4.54
C LEU B 168 -22.40 -6.94 -3.88
N GLY B 169 -22.00 -6.77 -2.63
CA GLY B 169 -21.30 -7.84 -1.90
C GLY B 169 -19.79 -7.70 -1.79
N ILE B 170 -19.26 -6.51 -2.07
CA ILE B 170 -17.87 -6.19 -1.70
C ILE B 170 -17.69 -6.29 -0.18
N LYS B 171 -16.60 -6.95 0.23
CA LYS B 171 -16.32 -7.19 1.64
C LYS B 171 -15.08 -6.45 2.13
N GLY B 172 -14.26 -5.99 1.18
CA GLY B 172 -13.00 -5.36 1.52
C GLY B 172 -12.73 -4.25 0.55
N ILE B 173 -12.24 -3.12 1.05
CA ILE B 173 -11.99 -1.96 0.19
C ILE B 173 -10.67 -1.35 0.59
N LEU B 174 -9.83 -1.10 -0.41
CA LEU B 174 -8.66 -0.26 -0.20
C LEU B 174 -9.04 1.13 -0.63
N ASN B 175 -9.17 2.03 0.33
CA ASN B 175 -9.53 3.41 0.05
C ASN B 175 -8.29 4.34 -0.12
N PHE B 176 -7.90 4.60 -1.36
CA PHE B 176 -6.84 5.60 -1.67
C PHE B 176 -7.30 7.05 -1.86
N THR B 177 -8.41 7.42 -1.24
CA THR B 177 -8.97 8.76 -1.34
C THR B 177 -9.02 9.38 0.06
N PRO B 178 -9.05 10.74 0.16
CA PRO B 178 -9.16 11.47 1.44
C PRO B 178 -10.45 11.23 2.23
N ALA B 179 -11.42 10.55 1.62
CA ALA B 179 -12.74 10.42 2.22
C ALA B 179 -12.67 9.42 3.33
N ARG B 180 -13.42 9.70 4.39
CA ARG B 180 -13.63 8.74 5.46
C ARG B 180 -14.98 8.08 5.18
N LEU B 181 -14.91 6.84 4.72
CA LEU B 181 -16.07 6.04 4.35
C LEU B 181 -16.90 5.59 5.54
N ASN B 182 -18.23 5.66 5.40
CA ASN B 182 -19.14 5.01 6.33
C ASN B 182 -19.57 3.67 5.73
N VAL B 183 -19.29 2.57 6.42
CA VAL B 183 -19.76 1.24 6.01
C VAL B 183 -20.30 0.45 7.19
N PRO B 184 -21.11 -0.61 6.91
CA PRO B 184 -21.53 -1.65 7.85
C PRO B 184 -20.35 -2.34 8.53
N GLU B 185 -20.54 -2.73 9.79
CA GLU B 185 -19.45 -3.22 10.65
C GLU B 185 -18.68 -4.44 10.10
N HIS B 186 -19.35 -5.22 9.25
CA HIS B 186 -18.72 -6.34 8.55
C HIS B 186 -17.95 -5.97 7.25
N ILE B 187 -17.67 -4.69 7.02
CA ILE B 187 -16.85 -4.33 5.87
C ILE B 187 -15.50 -3.85 6.35
N ARG B 188 -14.45 -4.49 5.81
CA ARG B 188 -13.08 -4.21 6.16
C ARG B 188 -12.54 -3.17 5.20
N ILE B 189 -12.05 -2.07 5.77
CA ILE B 189 -11.58 -0.93 5.03
C ILE B 189 -10.16 -0.62 5.43
N HIS B 190 -9.27 -0.57 4.44
CA HIS B 190 -7.95 0.01 4.62
C HIS B 190 -7.95 1.39 3.97
N HIS B 191 -7.73 2.43 4.76
CA HIS B 191 -7.73 3.79 4.29
C HIS B 191 -6.30 4.23 4.13
N ILE B 192 -5.84 4.37 2.88
CA ILE B 192 -4.48 4.84 2.58
C ILE B 192 -4.61 6.22 1.94
N ASP B 193 -4.64 7.24 2.79
CA ASP B 193 -4.59 8.62 2.36
C ASP B 193 -3.13 9.00 2.23
N LEU B 194 -2.70 9.19 0.99
CA LEU B 194 -1.33 9.47 0.63
C LEU B 194 -0.77 10.81 1.12
N ALA B 195 -1.64 11.79 1.26
CA ALA B 195 -1.22 13.11 1.73
C ALA B 195 -0.91 12.98 3.20
N VAL B 196 -1.74 12.20 3.91
CA VAL B 196 -1.56 11.90 5.34
C VAL B 196 -0.31 11.08 5.64
N GLU B 197 -0.03 10.08 4.81
CA GLU B 197 1.19 9.27 4.91
C GLU B 197 2.43 10.12 4.76
N LEU B 198 2.36 11.09 3.86
CA LEU B 198 3.49 11.97 3.62
C LEU B 198 3.67 12.88 4.82
N GLN B 199 2.57 13.45 5.30
CA GLN B 199 2.63 14.34 6.43
C GLN B 199 2.99 13.63 7.74
N SER B 200 2.72 12.31 7.82
CA SER B 200 3.14 11.47 8.95
C SER B 200 4.64 11.30 9.00
N LEU B 201 5.25 11.03 7.83
CA LEU B 201 6.69 10.91 7.72
C LEU B 201 7.37 12.21 8.14
N VAL B 202 6.90 13.34 7.58
CA VAL B 202 7.41 14.68 7.95
C VAL B 202 7.33 14.95 9.44
N TYR B 203 6.18 14.68 10.04
CA TYR B 203 5.93 14.85 11.45
C TYR B 203 6.93 14.06 12.31
N PHE B 204 7.14 12.79 11.96
CA PHE B 204 8.01 11.94 12.74
C PHE B 204 9.44 12.47 12.86
N LEU B 205 9.98 12.98 11.76
CA LEU B 205 11.33 13.54 11.75
C LEU B 205 11.45 14.91 12.44
N LYS B 206 10.33 15.50 12.82
CA LYS B 206 10.34 16.72 13.61
C LYS B 206 10.20 16.39 15.10
N HIS B 207 9.28 15.46 15.40
CA HIS B 207 8.83 15.25 16.77
C HIS B 207 9.23 13.89 17.33
N TYR B 208 9.61 12.97 16.43
CA TYR B 208 10.04 11.60 16.77
C TYR B 208 8.95 10.83 17.51
N SER B 209 7.72 11.13 17.10
CA SER B 209 6.56 10.39 17.52
C SER B 209 5.60 10.42 16.35
N VAL B 210 4.70 9.45 16.33
CA VAL B 210 3.77 9.26 15.26
C VAL B 210 2.56 10.23 15.33
N LEU B 211 2.22 10.72 14.14
CA LEU B 211 1.18 11.72 13.96
C LEU B 211 -0.16 11.08 14.19
N GLU B 212 -1.03 11.78 14.94
CA GLU B 212 -2.47 11.43 15.05
C GLU B 212 -3.24 11.97 13.83
N GLU B 213 -3.96 11.20 13.03
CA GLU B 213 -4.54 9.87 13.28
C GLU B 213 -3.69 8.76 12.61
PA NAD C . 7.20 4.16 -14.90
O1A NAD C . 6.26 3.43 -13.98
O2A NAD C . 8.17 3.39 -15.74
O5B NAD C . 8.08 5.16 -13.96
C5B NAD C . 7.45 6.27 -13.30
C4B NAD C . 8.28 7.53 -13.57
O4B NAD C . 9.61 7.30 -13.10
C3B NAD C . 8.38 7.89 -15.06
O3B NAD C . 8.21 9.29 -15.22
C2B NAD C . 9.80 7.54 -15.44
O2B NAD C . 10.32 8.44 -16.42
C1B NAD C . 10.51 7.75 -14.12
N9A NAD C . 11.78 7.02 -13.97
C8A NAD C . 12.03 5.79 -14.47
N7A NAD C . 13.27 5.45 -14.14
C5A NAD C . 13.83 6.46 -13.44
C6A NAD C . 15.13 6.70 -12.80
N6A NAD C . 16.10 5.73 -12.87
N1A NAD C . 15.30 7.88 -12.17
C2A NAD C . 14.34 8.82 -12.10
N3A NAD C . 13.14 8.65 -12.68
C4A NAD C . 12.84 7.50 -13.34
O3 NAD C . 6.39 5.19 -15.87
PN NAD C . 4.81 5.56 -15.89
O1N NAD C . 4.35 5.92 -14.49
O2N NAD C . 4.74 6.77 -16.81
O5D NAD C . 4.11 4.35 -16.49
PA NAD D . -9.00 11.70 -10.29
O1A NAD D . -8.46 11.81 -8.87
O2A NAD D . -9.65 12.89 -10.95
O5B NAD D . -10.00 10.45 -10.34
C5B NAD D . -9.51 9.19 -10.77
C4B NAD D . -10.37 8.71 -11.92
O4B NAD D . -11.70 8.62 -11.43
C3B NAD D . -10.41 9.63 -13.14
O3B NAD D . -10.12 8.80 -14.26
C2B NAD D . -11.84 10.10 -13.27
O2B NAD D . -12.31 10.18 -14.64
C1B NAD D . -12.56 9.02 -12.47
N9A NAD D . -13.75 9.42 -11.74
C8A NAD D . -14.08 10.62 -11.23
N7A NAD D . -15.27 10.49 -10.59
C5A NAD D . -15.68 9.21 -10.70
C6A NAD D . -16.84 8.39 -10.29
N6A NAD D . -17.86 8.92 -9.58
N1A NAD D . -16.83 7.08 -10.65
C2A NAD D . -15.83 6.51 -11.36
N3A NAD D . -14.78 7.20 -11.76
C4A NAD D . -14.66 8.51 -11.47
O3 NAD D . -7.86 11.10 -11.24
PN NAD D . -6.50 11.88 -11.56
O1N NAD D . -5.52 10.76 -11.50
O2N NAD D . -6.67 12.48 -12.94
O5D NAD D . -6.41 12.87 -10.42
#